data_6F7N
#
_entry.id   6F7N
#
_entity_poly.entity_id   1
_entity_poly.type   'polypeptide(L)'
_entity_poly.pdbx_seq_one_letter_code
;(ACE)LPGH(MK8)KRI(MK8)YSLL(NH2)
;
_entity_poly.pdbx_strand_id   A
#
# COMPACT_ATOMS: atom_id res chain seq x y z
N LEU A 2 3.33 10.83 0.18
CA LEU A 2 1.92 11.18 0.30
C LEU A 2 1.19 10.17 1.17
N PRO A 3 0.01 10.58 1.68
CA PRO A 3 -0.82 9.73 2.53
C PRO A 3 -1.46 8.57 1.76
N GLY A 4 -0.84 7.39 1.87
CA GLY A 4 -1.36 6.23 1.18
C GLY A 4 -0.35 5.11 1.10
N HIS A 5 0.27 4.78 2.23
CA HIS A 5 1.26 3.72 2.28
C HIS A 5 0.62 2.40 2.71
N LYS A 7 -1.88 1.09 1.37
CA LYS A 7 -2.09 0.52 0.04
C LYS A 7 -0.76 0.19 -0.61
N ARG A 8 0.29 0.92 -0.23
CA ARG A 8 1.61 0.71 -0.78
C ARG A 8 2.22 -0.59 -0.27
N ILE A 9 1.93 -0.92 0.99
CA ILE A 9 2.44 -2.14 1.60
C ILE A 9 1.48 -3.31 1.38
N TYR A 11 -0.27 -3.73 -1.07
CA TYR A 11 0.08 -4.01 -2.46
C TYR A 11 1.21 -5.03 -2.54
N SER A 12 2.14 -4.96 -1.58
CA SER A 12 3.28 -5.88 -1.56
C SER A 12 2.80 -7.33 -1.48
N LEU A 13 1.82 -7.58 -0.61
CA LEU A 13 1.27 -8.92 -0.44
C LEU A 13 0.15 -9.18 -1.45
N LEU A 14 -0.99 -8.54 -1.22
CA LEU A 14 -2.15 -8.71 -2.10
C LEU A 14 -2.53 -10.18 -2.22
N LEU A 2 -8.29 8.89 0.58
CA LEU A 2 -7.05 9.37 -0.02
C LEU A 2 -5.98 8.28 -0.05
N PRO A 3 -4.96 8.46 -0.90
CA PRO A 3 -3.87 7.50 -1.03
C PRO A 3 -2.96 7.48 0.19
N GLY A 4 -2.02 6.54 0.22
CA GLY A 4 -1.10 6.44 1.33
C GLY A 4 -0.12 5.29 1.17
N HIS A 5 0.38 4.77 2.28
CA HIS A 5 1.33 3.67 2.26
C HIS A 5 0.67 2.37 2.69
N LYS A 7 -1.90 1.14 1.44
CA LYS A 7 -2.16 0.60 0.11
C LYS A 7 -0.86 0.23 -0.59
N ARG A 8 0.21 0.94 -0.25
CA ARG A 8 1.51 0.69 -0.85
C ARG A 8 2.09 -0.64 -0.36
N ILE A 9 1.83 -0.96 0.91
CA ILE A 9 2.31 -2.21 1.49
C ILE A 9 1.32 -3.34 1.28
N TYR A 11 -0.50 -3.69 -1.11
CA TYR A 11 -0.19 -3.97 -2.52
C TYR A 11 0.93 -5.00 -2.63
N SER A 12 1.86 -4.97 -1.68
CA SER A 12 2.98 -5.90 -1.68
C SER A 12 2.49 -7.33 -1.47
N LEU A 13 1.90 -7.59 -0.31
CA LEU A 13 1.39 -8.92 0.01
C LEU A 13 0.43 -9.41 -1.07
N LEU A 14 -0.58 -8.59 -1.37
CA LEU A 14 -1.57 -8.95 -2.39
C LEU A 14 -0.95 -8.89 -3.78
N LEU A 2 1.83 11.05 -2.17
CA LEU A 2 0.73 11.35 -1.25
C LEU A 2 0.79 10.45 -0.03
N PRO A 3 0.11 10.87 1.05
CA PRO A 3 0.07 10.11 2.31
C PRO A 3 -0.75 8.83 2.18
N GLY A 4 -0.06 7.70 2.21
CA GLY A 4 -0.73 6.42 2.10
C GLY A 4 0.24 5.26 1.94
N HIS A 5 0.43 4.51 3.02
CA HIS A 5 1.35 3.37 3.00
C HIS A 5 0.59 2.07 3.26
N LYS A 7 -1.90 1.07 1.68
CA LYS A 7 -2.05 0.64 0.29
C LYS A 7 -0.70 0.27 -0.31
N ARG A 8 0.36 0.90 0.18
CA ARG A 8 1.71 0.63 -0.31
C ARG A 8 2.18 -0.76 0.12
N ILE A 9 1.78 -1.17 1.32
CA ILE A 9 2.16 -2.47 1.85
C ILE A 9 1.15 -3.54 1.46
N TYR A 11 -0.45 -3.62 -1.11
CA TYR A 11 -0.02 -3.80 -2.49
C TYR A 11 1.06 -4.88 -2.59
N SER A 12 1.90 -4.97 -1.56
CA SER A 12 2.97 -5.94 -1.53
C SER A 12 2.42 -7.36 -1.49
N LEU A 13 1.67 -7.68 -0.44
CA LEU A 13 1.08 -9.00 -0.28
C LEU A 13 0.23 -9.35 -1.49
N LEU A 14 -0.42 -8.35 -2.08
CA LEU A 14 -1.27 -8.56 -3.24
C LEU A 14 -0.43 -8.75 -4.50
N LEU A 2 -8.00 8.68 -2.12
CA LEU A 2 -7.57 8.30 -0.77
C LEU A 2 -6.31 7.47 -0.81
N PRO A 3 -5.19 8.12 -1.15
CA PRO A 3 -3.88 7.46 -1.23
C PRO A 3 -3.35 7.07 0.14
N GLY A 4 -2.10 6.59 0.18
CA GLY A 4 -1.50 6.19 1.43
C GLY A 4 -0.52 5.04 1.26
N HIS A 5 0.30 4.80 2.29
CA HIS A 5 1.28 3.72 2.25
C HIS A 5 0.64 2.39 2.65
N LYS A 7 -1.79 1.12 1.31
CA LYS A 7 -1.99 0.59 -0.03
C LYS A 7 -0.65 0.21 -0.66
N ARG A 8 0.40 0.95 -0.29
CA ARG A 8 1.73 0.68 -0.83
C ARG A 8 2.28 -0.65 -0.31
N ILE A 9 1.96 -0.96 0.94
CA ILE A 9 2.42 -2.20 1.56
C ILE A 9 1.44 -3.33 1.30
N TYR A 11 -0.28 -3.69 -1.20
CA TYR A 11 0.09 -3.97 -2.58
C TYR A 11 1.23 -5.00 -2.64
N SER A 12 2.11 -4.96 -1.65
CA SER A 12 3.24 -5.88 -1.58
C SER A 12 2.75 -7.32 -1.41
N LEU A 13 1.80 -7.51 -0.50
CA LEU A 13 1.25 -8.84 -0.24
C LEU A 13 0.16 -9.18 -1.25
N LEU A 14 -1.00 -8.56 -1.09
CA LEU A 14 -2.13 -8.80 -2.00
C LEU A 14 -2.44 -10.29 -2.10
N LEU A 2 3.36 8.68 -1.51
CA LEU A 2 1.95 9.02 -1.34
C LEU A 2 1.54 8.97 0.12
N PRO A 3 0.45 9.66 0.47
CA PRO A 3 -0.07 9.70 1.84
C PRO A 3 -0.65 8.37 2.28
N GLY A 4 -0.99 7.52 1.32
CA GLY A 4 -1.56 6.22 1.63
C GLY A 4 -0.57 5.09 1.43
N HIS A 5 0.14 4.73 2.50
CA HIS A 5 1.13 3.66 2.44
C HIS A 5 0.51 2.33 2.85
N LYS A 7 -2.03 1.05 1.60
CA LYS A 7 -2.29 0.53 0.26
C LYS A 7 -0.99 0.21 -0.46
N ARG A 8 0.07 0.95 -0.12
CA ARG A 8 1.38 0.76 -0.73
C ARG A 8 1.99 -0.57 -0.28
N ILE A 9 1.76 -0.92 0.98
CA ILE A 9 2.29 -2.15 1.54
C ILE A 9 1.34 -3.32 1.30
N TYR A 11 -0.50 -3.68 -1.08
CA TYR A 11 -0.20 -3.92 -2.48
C TYR A 11 0.95 -4.91 -2.63
N SER A 12 1.89 -4.86 -1.69
CA SER A 12 3.04 -5.77 -1.72
C SER A 12 2.61 -7.21 -1.51
N LEU A 13 1.92 -7.47 -0.41
CA LEU A 13 1.45 -8.81 -0.10
C LEU A 13 0.50 -9.32 -1.19
N LEU A 14 -0.46 -8.49 -1.56
CA LEU A 14 -1.44 -8.86 -2.58
C LEU A 14 -0.74 -9.08 -3.93
N LEU A 2 -7.64 7.67 -2.39
CA LEU A 2 -6.82 8.13 -1.28
C LEU A 2 -5.62 7.21 -1.07
N PRO A 3 -4.68 7.23 -2.03
CA PRO A 3 -3.47 6.40 -1.96
C PRO A 3 -2.52 6.86 -0.86
N GLY A 4 -1.88 5.89 -0.20
CA GLY A 4 -0.94 6.21 0.86
C GLY A 4 0.15 5.18 1.01
N HIS A 5 0.29 4.63 2.21
CA HIS A 5 1.32 3.63 2.48
C HIS A 5 0.68 2.30 2.87
N LYS A 7 -1.91 1.10 1.61
CA LYS A 7 -2.19 0.61 0.27
C LYS A 7 -0.90 0.26 -0.47
N ARG A 8 0.17 0.96 -0.11
CA ARG A 8 1.48 0.72 -0.74
C ARG A 8 2.05 -0.62 -0.32
N ILE A 9 1.82 -0.99 0.94
CA ILE A 9 2.31 -2.25 1.47
C ILE A 9 1.32 -3.38 1.23
N TYR A 11 -0.54 -3.64 -1.14
CA TYR A 11 -0.26 -3.86 -2.55
C TYR A 11 0.85 -4.90 -2.73
N SER A 12 1.80 -4.90 -1.80
CA SER A 12 2.92 -5.83 -1.85
C SER A 12 2.47 -7.24 -1.46
N LEU A 13 1.79 -7.33 -0.32
CA LEU A 13 1.30 -8.62 0.18
C LEU A 13 0.40 -9.29 -0.85
N LEU A 14 -0.50 -8.51 -1.45
CA LEU A 14 -1.42 -9.03 -2.45
C LEU A 14 -0.66 -9.51 -3.68
N LEU A 2 2.99 11.49 0.60
CA LEU A 2 1.53 11.56 0.65
C LEU A 2 0.95 10.36 1.40
N PRO A 3 -0.30 10.51 1.86
CA PRO A 3 -1.00 9.45 2.60
C PRO A 3 -1.35 8.26 1.72
N GLY A 4 -0.37 7.38 1.50
CA GLY A 4 -0.60 6.20 0.68
C GLY A 4 0.44 5.13 0.90
N HIS A 5 0.46 4.57 2.11
CA HIS A 5 1.41 3.52 2.46
C HIS A 5 0.70 2.23 2.80
N LYS A 7 -1.83 1.14 1.34
CA LYS A 7 -2.03 0.65 -0.02
C LYS A 7 -0.70 0.27 -0.65
N ARG A 8 0.37 0.96 -0.26
CA ARG A 8 1.70 0.68 -0.79
C ARG A 8 2.21 -0.67 -0.30
N ILE A 9 1.87 -1.01 0.93
CA ILE A 9 2.31 -2.28 1.52
C ILE A 9 1.31 -3.39 1.20
N TYR A 11 -0.38 -3.64 -1.32
CA TYR A 11 0.01 -3.88 -2.70
C TYR A 11 1.13 -4.91 -2.78
N SER A 12 2.00 -4.90 -1.78
CA SER A 12 3.12 -5.83 -1.73
C SER A 12 2.63 -7.26 -1.55
N LEU A 13 1.93 -7.51 -0.46
CA LEU A 13 1.39 -8.84 -0.16
C LEU A 13 0.20 -9.16 -1.07
N LEU A 14 -0.93 -8.55 -0.78
CA LEU A 14 -2.14 -8.77 -1.56
C LEU A 14 -2.44 -10.26 -1.70
N LEU A 2 2.44 9.46 5.36
CA LEU A 2 2.31 9.45 3.92
C LEU A 2 0.84 9.47 3.50
N PRO A 3 0.58 9.86 2.24
CA PRO A 3 -0.78 9.93 1.70
C PRO A 3 -1.39 8.55 1.51
N GLY A 4 -0.55 7.54 1.39
CA GLY A 4 -1.02 6.18 1.20
C GLY A 4 0.10 5.16 1.29
N HIS A 5 0.24 4.55 2.47
CA HIS A 5 1.28 3.54 2.69
C HIS A 5 0.67 2.20 3.07
N LYS A 7 -1.93 0.98 1.81
CA LYS A 7 -2.22 0.50 0.45
C LYS A 7 -0.93 0.20 -0.29
N ARG A 8 0.14 0.91 0.06
CA ARG A 8 1.44 0.71 -0.59
C ARG A 8 2.05 -0.62 -0.17
N ILE A 9 1.83 -1.01 1.07
CA ILE A 9 2.37 -2.27 1.58
C ILE A 9 1.40 -3.42 1.34
N TYR A 11 -0.48 -3.68 -1.04
CA TYR A 11 -0.20 -3.88 -2.45
C TYR A 11 0.95 -4.85 -2.66
N SER A 12 1.91 -4.82 -1.74
CA SER A 12 3.07 -5.70 -1.82
C SER A 12 2.68 -7.16 -1.57
N LEU A 13 1.78 -7.35 -0.60
CA LEU A 13 1.31 -8.69 -0.25
C LEU A 13 0.36 -9.22 -1.32
N LEU A 14 -0.67 -8.45 -1.62
CA LEU A 14 -1.66 -8.85 -2.63
C LEU A 14 -1.08 -8.74 -4.03
N LEU A 2 -1.94 12.30 -2.11
CA LEU A 2 -2.75 11.13 -1.81
C LEU A 2 -1.92 10.06 -1.12
N PRO A 3 -1.57 10.30 0.15
CA PRO A 3 -0.77 9.36 0.94
C PRO A 3 -1.54 8.10 1.30
N GLY A 4 -0.83 6.97 1.40
CA GLY A 4 -1.47 5.72 1.74
C GLY A 4 -0.48 4.57 1.81
N HIS A 5 0.50 4.69 2.68
CA HIS A 5 1.51 3.65 2.85
C HIS A 5 0.87 2.31 3.19
N LYS A 7 -1.73 1.20 1.90
CA LYS A 7 -2.03 0.77 0.53
C LYS A 7 -0.75 0.41 -0.22
N ARG A 8 0.36 1.05 0.16
CA ARG A 8 1.64 0.80 -0.47
C ARG A 8 2.16 -0.59 -0.11
N ILE A 9 1.91 -1.01 1.13
CA ILE A 9 2.35 -2.31 1.60
C ILE A 9 1.32 -3.38 1.29
N TYR A 11 -0.54 -3.47 -1.09
CA TYR A 11 -0.24 -3.63 -2.52
C TYR A 11 0.83 -4.68 -2.73
N SER A 12 1.78 -4.76 -1.79
CA SER A 12 2.87 -5.72 -1.88
C SER A 12 2.37 -7.13 -1.63
N LEU A 13 1.72 -7.33 -0.48
CA LEU A 13 1.18 -8.63 -0.11
C LEU A 13 0.30 -9.20 -1.22
N LEU A 14 -0.60 -8.36 -1.72
CA LEU A 14 -1.51 -8.77 -2.80
C LEU A 14 -0.78 -8.83 -4.13
N LEU A 2 -5.53 6.51 6.27
CA LEU A 2 -5.49 7.44 5.15
C LEU A 2 -4.72 6.84 3.96
N PRO A 3 -5.03 7.32 2.75
CA PRO A 3 -4.38 6.85 1.52
C PRO A 3 -2.93 7.29 1.44
N GLY A 4 -2.04 6.49 2.00
CA GLY A 4 -0.62 6.81 1.98
C GLY A 4 0.23 5.64 1.56
N HIS A 5 0.66 4.83 2.53
CA HIS A 5 1.48 3.66 2.25
C HIS A 5 0.79 2.38 2.71
N LYS A 7 -1.86 1.18 1.48
CA LYS A 7 -2.13 0.62 0.17
C LYS A 7 -0.84 0.27 -0.56
N ARG A 8 0.23 0.96 -0.22
CA ARG A 8 1.53 0.72 -0.83
C ARG A 8 2.13 -0.60 -0.34
N ILE A 9 1.89 -0.91 0.93
CA ILE A 9 2.41 -2.14 1.53
C ILE A 9 1.41 -3.28 1.37
N TYR A 11 -0.46 -3.68 -0.98
CA TYR A 11 -0.19 -3.98 -2.39
C TYR A 11 0.90 -5.03 -2.52
N SER A 12 1.87 -4.99 -1.62
CA SER A 12 2.98 -5.94 -1.63
C SER A 12 2.47 -7.37 -1.42
N LEU A 13 1.74 -7.57 -0.34
CA LEU A 13 1.18 -8.89 -0.02
C LEU A 13 0.31 -9.40 -1.17
N LEU A 14 -0.66 -8.59 -1.57
CA LEU A 14 -1.56 -8.96 -2.66
C LEU A 14 -0.78 -9.29 -3.93
N LEU A 2 -6.19 7.49 8.09
CA LEU A 2 -5.23 7.84 7.05
C LEU A 2 -3.81 7.50 7.50
N PRO A 3 -3.49 6.20 7.55
CA PRO A 3 -2.16 5.73 7.95
C PRO A 3 -1.09 6.05 6.92
N GLY A 4 -1.47 6.00 5.65
CA GLY A 4 -0.53 6.27 4.57
C GLY A 4 0.36 5.08 4.26
N HIS A 5 0.57 4.85 2.97
CA HIS A 5 1.40 3.73 2.52
C HIS A 5 0.76 2.40 2.89
N LYS A 7 -1.88 1.16 1.43
CA LYS A 7 -2.11 0.66 0.08
C LYS A 7 -0.78 0.40 -0.63
N ARG A 8 0.28 0.99 -0.12
CA ARG A 8 1.61 0.81 -0.71
C ARG A 8 2.20 -0.53 -0.33
N ILE A 9 1.93 -0.96 0.89
CA ILE A 9 2.44 -2.24 1.39
C ILE A 9 1.42 -3.35 1.17
N TYR A 11 -0.38 -3.63 -1.24
CA TYR A 11 -0.07 -3.89 -2.65
C TYR A 11 0.98 -4.99 -2.78
N SER A 12 1.89 -5.06 -1.81
CA SER A 12 2.94 -6.06 -1.82
C SER A 12 2.39 -7.44 -1.45
N LEU A 13 1.78 -7.52 -0.28
CA LEU A 13 1.21 -8.78 0.20
C LEU A 13 0.25 -9.36 -0.83
N LEU A 14 -0.69 -8.55 -1.29
CA LEU A 14 -1.66 -8.98 -2.28
C LEU A 14 -0.98 -9.33 -3.59
N LEU A 2 -7.13 8.36 -2.95
CA LEU A 2 -5.99 9.20 -2.59
C LEU A 2 -4.75 8.35 -2.33
N PRO A 3 -3.57 8.98 -2.39
CA PRO A 3 -2.29 8.31 -2.16
C PRO A 3 -2.11 7.90 -0.70
N GLY A 4 -1.32 6.84 -0.48
CA GLY A 4 -1.07 6.37 0.86
C GLY A 4 0.06 5.35 0.93
N HIS A 5 0.28 4.78 2.11
CA HIS A 5 1.34 3.80 2.30
C HIS A 5 0.77 2.47 2.78
N LYS A 7 -1.84 1.15 1.71
CA LYS A 7 -2.18 0.61 0.41
C LYS A 7 -0.92 0.22 -0.37
N ARG A 8 0.17 0.94 -0.11
CA ARG A 8 1.44 0.68 -0.77
C ARG A 8 2.03 -0.65 -0.32
N ILE A 9 1.86 -0.97 0.96
CA ILE A 9 2.37 -2.20 1.52
C ILE A 9 1.36 -3.34 1.35
N TYR A 11 -0.59 -3.69 -0.93
CA TYR A 11 -0.35 -3.96 -2.35
C TYR A 11 0.76 -4.99 -2.52
N SER A 12 1.75 -4.95 -1.63
CA SER A 12 2.87 -5.87 -1.69
C SER A 12 2.43 -7.30 -1.38
N LEU A 13 1.58 -7.44 -0.37
CA LEU A 13 1.07 -8.75 0.02
C LEU A 13 0.40 -9.44 -1.15
N LEU A 14 -0.51 -8.73 -1.81
CA LEU A 14 -1.23 -9.27 -2.95
C LEU A 14 -0.30 -9.48 -4.15
N LEU A 2 -0.75 12.34 -0.53
CA LEU A 2 0.37 11.42 -0.40
C LEU A 2 0.08 10.10 -1.11
N PRO A 3 1.15 9.36 -1.46
CA PRO A 3 1.03 8.08 -2.14
C PRO A 3 0.47 6.98 -1.24
N GLY A 4 0.54 7.22 0.07
CA GLY A 4 0.04 6.25 1.02
C GLY A 4 0.99 5.09 1.23
N HIS A 5 0.95 4.50 2.42
CA HIS A 5 1.82 3.36 2.74
C HIS A 5 0.99 2.13 3.11
N LYS A 7 -1.66 1.22 1.64
CA LYS A 7 -1.88 0.74 0.28
C LYS A 7 -0.59 0.27 -0.36
N ARG A 8 0.51 0.93 0.00
CA ARG A 8 1.83 0.58 -0.55
C ARG A 8 2.27 -0.79 -0.04
N ILE A 9 1.94 -1.09 1.21
CA ILE A 9 2.30 -2.36 1.82
C ILE A 9 1.26 -3.43 1.53
N TYR A 11 -0.47 -3.64 -0.99
CA TYR A 11 -0.11 -3.91 -2.37
C TYR A 11 0.97 -4.97 -2.45
N SER A 12 1.85 -5.00 -1.45
CA SER A 12 2.94 -5.97 -1.41
C SER A 12 2.39 -7.39 -1.31
N LEU A 13 1.41 -7.58 -0.44
CA LEU A 13 0.79 -8.89 -0.24
C LEU A 13 -0.03 -9.29 -1.46
N LEU A 14 -0.82 -8.35 -1.97
CA LEU A 14 -1.66 -8.61 -3.14
C LEU A 14 -0.84 -9.16 -4.29
N LEU A 2 -1.78 12.99 0.84
CA LEU A 2 -2.69 11.95 1.31
C LEU A 2 -1.91 10.75 1.86
N PRO A 3 -2.59 9.93 2.69
CA PRO A 3 -1.99 8.75 3.29
C PRO A 3 -1.70 7.65 2.27
N GLY A 4 -0.60 7.80 1.54
CA GLY A 4 -0.24 6.82 0.53
C GLY A 4 0.91 5.94 0.99
N HIS A 5 0.57 4.76 1.51
CA HIS A 5 1.58 3.81 1.98
C HIS A 5 0.92 2.54 2.52
N LYS A 7 -1.74 1.28 1.42
CA LYS A 7 -2.07 0.66 0.14
C LYS A 7 -0.80 0.25 -0.60
N ARG A 8 0.29 0.96 -0.32
CA ARG A 8 1.57 0.66 -0.96
C ARG A 8 2.17 -0.63 -0.42
N ILE A 9 1.97 -0.88 0.87
CA ILE A 9 2.49 -2.09 1.50
C ILE A 9 1.48 -3.23 1.41
N TYR A 11 -0.47 -3.71 -0.89
CA TYR A 11 -0.24 -4.06 -2.27
C TYR A 11 0.85 -5.13 -2.39
N SER A 12 1.84 -5.06 -1.52
CA SER A 12 2.94 -6.02 -1.52
C SER A 12 2.42 -7.44 -1.35
N LEU A 13 1.62 -7.64 -0.31
CA LEU A 13 1.06 -8.97 -0.02
C LEU A 13 0.11 -9.40 -1.14
N LEU A 14 -0.81 -8.52 -1.51
CA LEU A 14 -1.77 -8.81 -2.56
C LEU A 14 -1.07 -8.99 -3.90
N LEU A 2 -5.89 4.38 -3.79
CA LEU A 2 -5.68 5.77 -3.41
C LEU A 2 -4.24 5.98 -2.95
N PRO A 3 -3.81 7.26 -2.96
CA PRO A 3 -2.45 7.63 -2.55
C PRO A 3 -2.23 7.46 -1.05
N GLY A 4 -1.43 6.47 -0.67
CA GLY A 4 -1.16 6.23 0.73
C GLY A 4 0.02 5.30 0.94
N HIS A 5 0.18 4.82 2.17
CA HIS A 5 1.28 3.91 2.50
C HIS A 5 0.75 2.55 2.93
N LYS A 7 -1.93 1.13 1.69
CA LYS A 7 -2.24 0.60 0.37
C LYS A 7 -0.96 0.42 -0.45
N ARG A 8 0.14 1.00 0.04
CA ARG A 8 1.42 0.90 -0.65
C ARG A 8 2.11 -0.43 -0.32
N ILE A 9 1.96 -0.88 0.92
CA ILE A 9 2.56 -2.13 1.35
C ILE A 9 1.57 -3.28 1.26
N TYR A 11 -0.41 -3.73 -0.94
CA TYR A 11 -0.22 -4.03 -2.36
C TYR A 11 0.86 -5.10 -2.53
N SER A 12 1.82 -5.12 -1.62
CA SER A 12 2.90 -6.09 -1.68
C SER A 12 2.39 -7.51 -1.43
N LEU A 13 1.60 -7.66 -0.37
CA LEU A 13 1.04 -8.96 -0.02
C LEU A 13 0.19 -9.51 -1.16
N LEU A 14 -0.61 -8.65 -1.78
CA LEU A 14 -1.46 -9.05 -2.89
C LEU A 14 -0.65 -9.26 -4.15
N LEU A 2 -7.85 4.37 3.66
CA LEU A 2 -7.43 5.76 3.60
C LEU A 2 -6.21 5.92 2.69
N PRO A 3 -6.03 7.13 2.13
CA PRO A 3 -4.91 7.44 1.25
C PRO A 3 -3.58 7.48 2.00
N GLY A 4 -2.63 6.68 1.54
CA GLY A 4 -1.32 6.64 2.17
C GLY A 4 -0.46 5.49 1.68
N HIS A 5 0.41 4.98 2.55
CA HIS A 5 1.29 3.88 2.18
C HIS A 5 0.72 2.55 2.69
N LYS A 7 -1.86 1.11 1.51
CA LYS A 7 -2.11 0.50 0.22
C LYS A 7 -0.82 0.19 -0.51
N ARG A 8 0.24 0.94 -0.17
CA ARG A 8 1.54 0.74 -0.79
C ARG A 8 2.17 -0.57 -0.34
N ILE A 9 1.98 -0.89 0.94
CA ILE A 9 2.52 -2.12 1.51
C ILE A 9 1.54 -3.28 1.36
N TYR A 11 -0.33 -3.73 -0.91
CA TYR A 11 -0.07 -4.03 -2.32
C TYR A 11 1.02 -5.10 -2.44
N SER A 12 2.00 -5.05 -1.54
CA SER A 12 3.10 -6.01 -1.56
C SER A 12 2.57 -7.43 -1.36
N LEU A 13 1.61 -7.58 -0.45
CA LEU A 13 1.04 -8.89 -0.17
C LEU A 13 0.18 -9.37 -1.34
N LEU A 14 -0.87 -8.62 -1.65
CA LEU A 14 -1.76 -8.97 -2.75
C LEU A 14 -0.99 -9.15 -4.05
N LEU A 2 -1.73 13.11 3.54
CA LEU A 2 -1.72 12.43 2.25
C LEU A 2 -1.26 10.98 2.40
N PRO A 3 -2.15 10.13 2.91
CA PRO A 3 -1.86 8.71 3.12
C PRO A 3 -1.75 7.95 1.81
N GLY A 4 -0.68 7.18 1.66
CA GLY A 4 -0.48 6.41 0.45
C GLY A 4 0.58 5.33 0.61
N HIS A 5 0.74 4.85 1.84
CA HIS A 5 1.73 3.81 2.13
C HIS A 5 1.05 2.55 2.64
N LYS A 7 -1.64 1.39 1.56
CA LYS A 7 -2.00 0.83 0.26
C LYS A 7 -0.75 0.38 -0.50
N ARG A 8 0.36 1.04 -0.23
CA ARG A 8 1.62 0.72 -0.89
C ARG A 8 2.16 -0.62 -0.40
N ILE A 9 1.96 -0.91 0.88
CA ILE A 9 2.42 -2.15 1.47
C ILE A 9 1.37 -3.25 1.34
N TYR A 11 -0.60 -3.58 -0.93
CA TYR A 11 -0.38 -3.90 -2.34
C TYR A 11 0.67 -4.99 -2.49
N SER A 12 1.66 -4.97 -1.59
CA SER A 12 2.73 -5.96 -1.63
C SER A 12 2.22 -7.35 -1.26
N LEU A 13 1.43 -7.41 -0.19
CA LEU A 13 0.86 -8.68 0.27
C LEU A 13 0.11 -9.38 -0.86
N LEU A 14 -0.59 -8.58 -1.68
CA LEU A 14 -1.35 -9.13 -2.79
C LEU A 14 -0.44 -9.43 -3.98
N LEU A 2 -0.83 12.29 -2.05
CA LEU A 2 -1.37 12.23 -0.69
C LEU A 2 -0.78 11.05 0.08
N PRO A 3 -0.87 11.12 1.42
CA PRO A 3 -0.35 10.07 2.30
C PRO A 3 -1.15 8.77 2.21
N GLY A 4 -0.57 7.75 1.58
CA GLY A 4 -1.25 6.49 1.44
C GLY A 4 -0.29 5.34 1.23
N HIS A 5 0.40 4.94 2.30
CA HIS A 5 1.36 3.84 2.24
C HIS A 5 0.71 2.52 2.65
N LYS A 7 -2.17 1.04 1.57
CA LYS A 7 -2.44 0.43 0.28
C LYS A 7 -1.16 0.11 -0.47
N ARG A 8 -0.09 0.85 -0.13
CA ARG A 8 1.20 0.65 -0.78
C ARG A 8 1.86 -0.64 -0.29
N ILE A 9 1.66 -0.95 0.99
CA ILE A 9 2.23 -2.15 1.58
C ILE A 9 1.30 -3.35 1.40
N TYR A 11 -0.57 -3.83 -0.87
CA TYR A 11 -0.29 -4.10 -2.28
C TYR A 11 0.86 -5.08 -2.43
N SER A 12 1.87 -4.94 -1.58
CA SER A 12 3.04 -5.81 -1.62
C SER A 12 2.64 -7.26 -1.42
N LEU A 13 1.77 -7.51 -0.45
CA LEU A 13 1.30 -8.85 -0.16
C LEU A 13 0.60 -9.46 -1.37
N LEU A 14 -0.46 -8.81 -1.82
CA LEU A 14 -1.22 -9.28 -2.98
C LEU A 14 -0.30 -9.51 -4.17
N LEU A 2 -3.84 12.93 0.42
CA LEU A 2 -4.04 11.95 1.47
C LEU A 2 -2.89 10.95 1.51
N PRO A 3 -2.75 10.25 2.65
CA PRO A 3 -1.69 9.26 2.85
C PRO A 3 -1.92 8.01 1.99
N GLY A 4 -0.83 7.46 1.47
CA GLY A 4 -0.92 6.26 0.65
C GLY A 4 0.21 5.30 0.90
N HIS A 5 0.33 4.83 2.13
CA HIS A 5 1.38 3.89 2.50
C HIS A 5 0.79 2.53 2.86
N LYS A 7 -1.77 1.15 1.37
CA LYS A 7 -1.95 0.64 0.02
C LYS A 7 -0.60 0.43 -0.67
N ARG A 8 0.45 0.99 -0.08
CA ARG A 8 1.79 0.88 -0.64
C ARG A 8 2.43 -0.46 -0.26
N ILE A 9 2.15 -0.91 0.95
CA ILE A 9 2.69 -2.18 1.44
C ILE A 9 1.70 -3.31 1.26
N TYR A 11 -0.07 -3.71 -1.14
CA TYR A 11 0.25 -4.01 -2.53
C TYR A 11 1.31 -5.10 -2.62
N SER A 12 2.19 -5.14 -1.62
CA SER A 12 3.25 -6.13 -1.58
C SER A 12 2.69 -7.55 -1.49
N LEU A 13 1.65 -7.71 -0.69
CA LEU A 13 1.01 -9.01 -0.50
C LEU A 13 -0.22 -9.13 -1.39
N LEU A 14 -1.30 -8.45 -1.01
CA LEU A 14 -2.54 -8.49 -1.78
C LEU A 14 -3.09 -9.91 -1.86
N LEU A 2 -0.96 13.80 0.24
CA LEU A 2 -1.82 12.96 1.07
C LEU A 2 -1.16 11.61 1.36
N PRO A 3 -1.63 10.92 2.40
CA PRO A 3 -1.10 9.62 2.79
C PRO A 3 -1.47 8.52 1.79
N GLY A 4 -0.65 7.48 1.74
CA GLY A 4 -0.90 6.38 0.82
C GLY A 4 0.19 5.33 0.86
N HIS A 5 0.41 4.76 2.04
CA HIS A 5 1.43 3.72 2.20
C HIS A 5 0.82 2.42 2.70
N LYS A 7 -1.75 1.19 1.62
CA LYS A 7 -2.09 0.63 0.32
C LYS A 7 -0.83 0.13 -0.40
N ARG A 8 0.23 0.93 -0.34
CA ARG A 8 1.49 0.57 -0.97
C ARG A 8 2.03 -0.74 -0.43
N ILE A 9 1.85 -0.96 0.86
CA ILE A 9 2.31 -2.18 1.51
C ILE A 9 1.31 -3.30 1.34
N TYR A 11 -0.61 -3.67 -0.98
CA TYR A 11 -0.36 -3.97 -2.38
C TYR A 11 0.76 -5.00 -2.53
N SER A 12 1.71 -4.97 -1.59
CA SER A 12 2.84 -5.89 -1.61
C SER A 12 2.37 -7.33 -1.38
N LEU A 13 1.71 -7.55 -0.26
CA LEU A 13 1.20 -8.87 0.08
C LEU A 13 0.33 -9.43 -1.04
N LEU A 14 -0.42 -8.56 -1.68
CA LEU A 14 -1.30 -8.96 -2.78
C LEU A 14 -0.49 -9.26 -4.04
#